data_8AY7
#
_entry.id   8AY7
#
_cell.length_a   42.821
_cell.length_b   62.724
_cell.length_c   186.948
_cell.angle_alpha   90.000
_cell.angle_beta   90.000
_cell.angle_gamma   90.000
#
_symmetry.space_group_name_H-M   'P 21 21 21'
#
loop_
_entity.id
_entity.type
_entity.pdbx_description
1 polymer 'Abscisic acid receptor PYL1'
2 polymer 'Protein phosphatase 2C 16'
3 non-polymer N-((1,4-dimethyl-2-oxo-1,2-dihydroquinolin-6-yl)methyl)benzenesulfonamide
4 non-polymer GLYCEROL
5 non-polymer 'MANGANESE (II) ION'
6 non-polymer 'CHLORIDE ION'
7 water water
#
loop_
_entity_poly.entity_id
_entity_poly.type
_entity_poly.pdbx_seq_one_letter_code
_entity_poly.pdbx_strand_id
1 'polypeptide(L)'
;MNNNKAEADTSSSMADPETRPTYTTHHLAIPSGVTQDEFDELKQSVVEFHTYQLSQNQCSSLLAQRIRAPNDVVWSIVRR
FDQPQTYKHFIKSCSVSDNFTMAVGSTRDVNLISGLPAATSTERLDILDDDRQVLGISIIGGEHRLRNYRSVISVHGFNR
DGAICTVALESYVVDVPEGNTEEDTRLFADTVVKLNLQKLVSVAESQVI
;
A
2 'polypeptide(L)'
;RSVYELDCIPLWGVVSIQGNRSEMEDAFAVSPHFLKLPIKMLMGDHEGMSPSLTHLTGHFFGVYDGHGGHKVADYCRDRL
HFALAEEIERIKDELCKRNTGEGRQVQWDKVFTSCFLTVDGEIEGKIGRAVVGSSDKVLEAVASETVGSTAVVALVCSSH
IVVSNCGDSRAVLFRGKEAMPLSVDHKPDREDEYARIENAGGKVIQWQGARVFGVLAMSRSIGDRYLKPYVIPEPEVTFM
PRSREDECLILASDGLWDVMNNQEVCEIARRRILMWHKKNGAPPLAERGKGIDPACQAAADYLSMLALQKGSKDNISIIV
IDLKAQRKFKTRT
;
B
#
loop_
_chem_comp.id
_chem_comp.type
_chem_comp.name
_chem_comp.formula
CL non-polymer 'CHLORIDE ION' 'Cl -1'
GOL non-polymer GLYCEROL 'C3 H8 O3'
MN non-polymer 'MANGANESE (II) ION' 'Mn 2'
S5N non-polymer N-((1,4-dimethyl-2-oxo-1,2-dihydroquinolin-6-yl)methyl)benzenesulfonamide 'C18 H18 N2 O3 S'
#
# COMPACT_ATOMS: atom_id res chain seq x y z
N PRO A 21 -10.24 42.32 2.83
CA PRO A 21 -10.09 40.90 2.51
C PRO A 21 -8.72 40.56 1.93
N THR A 22 -8.19 39.39 2.31
CA THR A 22 -6.85 38.98 1.90
C THR A 22 -6.92 38.13 0.63
N TYR A 23 -5.88 38.29 -0.20
CA TYR A 23 -5.78 37.54 -1.44
C TYR A 23 -4.41 36.90 -1.54
N THR A 24 -4.38 35.68 -2.10
CA THR A 24 -3.12 35.03 -2.39
C THR A 24 -2.26 35.90 -3.31
N THR A 25 -1.00 35.49 -3.45
CA THR A 25 -0.01 36.28 -4.17
C THR A 25 0.93 35.37 -4.94
N HIS A 26 0.39 34.33 -5.58
CA HIS A 26 1.24 33.40 -6.30
C HIS A 26 1.94 34.05 -7.49
N HIS A 27 1.54 35.26 -7.89
CA HIS A 27 2.22 35.91 -9.00
C HIS A 27 3.60 36.46 -8.62
N LEU A 28 3.89 36.57 -7.32
CA LEU A 28 5.19 37.04 -6.84
C LEU A 28 6.28 35.97 -6.90
N ALA A 29 6.01 34.79 -7.44
CA ALA A 29 6.99 33.72 -7.42
C ALA A 29 6.82 32.84 -8.64
N ILE A 30 7.90 32.65 -9.39
CA ILE A 30 7.93 31.65 -10.46
C ILE A 30 7.76 30.29 -9.81
N PRO A 31 6.77 29.49 -10.20
CA PRO A 31 6.67 28.14 -9.67
C PRO A 31 7.72 27.23 -10.28
N SER A 32 8.22 26.32 -9.44
CA SER A 32 9.15 25.29 -9.89
C SER A 32 8.68 24.67 -11.21
N GLY A 33 9.59 24.54 -12.17
CA GLY A 33 9.26 23.95 -13.45
C GLY A 33 8.98 24.94 -14.57
N VAL A 34 9.07 26.24 -14.31
CA VAL A 34 8.79 27.25 -15.32
C VAL A 34 10.01 28.16 -15.44
N THR A 35 10.43 28.44 -16.67
CA THR A 35 11.51 29.37 -16.90
C THR A 35 11.06 30.81 -16.65
N GLN A 36 12.02 31.71 -16.50
CA GLN A 36 11.68 33.12 -16.30
C GLN A 36 10.91 33.69 -17.47
N ASP A 37 11.29 33.32 -18.70
CA ASP A 37 10.59 33.83 -19.88
C ASP A 37 9.16 33.28 -19.96
N GLU A 38 8.97 31.99 -19.67
CA GLU A 38 7.62 31.44 -19.60
C GLU A 38 6.76 32.16 -18.56
N PHE A 39 7.34 32.50 -17.41
CA PHE A 39 6.56 33.17 -16.37
C PHE A 39 6.16 34.58 -16.78
N ASP A 40 6.99 35.28 -17.55
CA ASP A 40 6.63 36.62 -17.98
C ASP A 40 5.26 36.63 -18.65
N GLU A 41 4.96 35.60 -19.45
CA GLU A 41 3.60 35.45 -19.96
C GLU A 41 2.67 34.86 -18.89
N LEU A 42 3.06 33.75 -18.26
CA LEU A 42 2.13 33.09 -17.35
C LEU A 42 1.76 33.96 -16.16
N LYS A 43 2.62 34.93 -15.83
CA LYS A 43 2.34 35.83 -14.71
C LYS A 43 0.92 36.38 -14.78
N GLN A 44 0.48 36.74 -16.00
CA GLN A 44 -0.78 37.47 -16.13
C GLN A 44 -1.96 36.53 -15.91
N SER A 45 -1.81 35.24 -16.26
CA SER A 45 -2.82 34.21 -16.04
C SER A 45 -2.88 33.77 -14.58
N VAL A 46 -1.76 33.83 -13.87
CA VAL A 46 -1.79 33.60 -12.43
C VAL A 46 -2.73 34.61 -11.78
N VAL A 47 -2.69 35.86 -12.25
CA VAL A 47 -3.47 36.93 -11.66
C VAL A 47 -4.96 36.72 -11.89
N GLU A 48 -5.34 36.26 -13.08
CA GLU A 48 -6.75 36.21 -13.44
C GLU A 48 -7.44 34.87 -13.15
N PHE A 49 -6.71 33.76 -13.17
CA PHE A 49 -7.29 32.46 -12.90
C PHE A 49 -6.90 31.85 -11.56
N HIS A 50 -5.81 32.31 -10.94
CA HIS A 50 -5.19 31.60 -9.83
C HIS A 50 -5.04 32.50 -8.62
N THR A 51 -6.00 33.38 -8.42
CA THR A 51 -6.01 34.34 -7.32
C THR A 51 -7.28 34.08 -6.54
N TYR A 52 -7.13 33.80 -5.24
CA TYR A 52 -8.24 33.53 -4.36
C TYR A 52 -8.26 34.54 -3.23
N GLN A 53 -9.46 34.89 -2.81
CA GLN A 53 -9.66 35.56 -1.54
C GLN A 53 -9.48 34.53 -0.44
N LEU A 54 -8.64 34.82 0.53
CA LEU A 54 -8.34 33.89 1.61
C LEU A 54 -9.27 34.12 2.79
N SER A 55 -9.61 33.03 3.48
CA SER A 55 -10.37 33.05 4.71
C SER A 55 -9.52 32.48 5.85
N GLN A 56 -9.99 32.68 7.07
CA GLN A 56 -9.19 32.28 8.23
C GLN A 56 -8.85 30.80 8.16
N ASN A 57 -7.65 30.46 8.65
CA ASN A 57 -7.18 29.08 8.67
C ASN A 57 -7.23 28.42 7.29
N GLN A 58 -6.87 29.17 6.25
CA GLN A 58 -6.76 28.61 4.92
C GLN A 58 -5.34 28.77 4.39
N CYS A 59 -5.01 27.94 3.41
CA CYS A 59 -3.74 28.02 2.72
C CYS A 59 -3.96 27.71 1.25
N SER A 60 -2.94 27.97 0.45
CA SER A 60 -3.10 27.95 -0.99
C SER A 60 -1.74 27.73 -1.63
N SER A 61 -1.76 27.16 -2.82
CA SER A 61 -0.53 26.77 -3.47
C SER A 61 -0.74 26.83 -4.96
N LEU A 62 0.37 26.96 -5.68
CA LEU A 62 0.35 26.99 -7.14
C LEU A 62 1.40 26.03 -7.68
N LEU A 63 1.03 25.21 -8.64
CA LEU A 63 1.94 24.25 -9.25
C LEU A 63 1.84 24.29 -10.77
N ALA A 64 2.91 23.83 -11.42
CA ALA A 64 3.03 23.87 -12.86
C ALA A 64 3.74 22.63 -13.35
N GLN A 65 3.35 22.17 -14.53
CA GLN A 65 3.94 20.98 -15.14
C GLN A 65 4.08 21.25 -16.62
N ARG A 66 5.31 21.15 -17.13
CA ARG A 66 5.56 21.20 -18.56
C ARG A 66 5.13 19.89 -19.20
N ILE A 67 4.38 19.98 -20.30
CA ILE A 67 3.91 18.84 -21.08
C ILE A 67 4.32 19.09 -22.51
N ARG A 68 4.77 18.05 -23.20
CA ARG A 68 5.19 18.22 -24.58
C ARG A 68 4.13 17.59 -25.48
N ALA A 69 3.01 18.28 -25.51
CA ALA A 69 1.90 18.07 -26.44
C ALA A 69 1.30 19.43 -26.76
N PRO A 70 0.58 19.55 -27.87
CA PRO A 70 -0.16 20.80 -28.13
C PRO A 70 -1.18 21.06 -27.02
N ASN A 71 -1.43 22.35 -26.75
CA ASN A 71 -2.30 22.72 -25.63
C ASN A 71 -3.75 22.33 -25.85
N ASP A 72 -4.14 22.07 -27.10
CA ASP A 72 -5.50 21.60 -27.35
C ASP A 72 -5.65 20.12 -26.97
N VAL A 73 -4.60 19.32 -27.20
CA VAL A 73 -4.62 17.93 -26.79
C VAL A 73 -4.72 17.82 -25.28
N VAL A 74 -3.89 18.59 -24.57
CA VAL A 74 -3.94 18.59 -23.10
C VAL A 74 -5.32 19.01 -22.64
N TRP A 75 -5.84 20.10 -23.20
CA TRP A 75 -7.15 20.58 -22.77
C TRP A 75 -8.24 19.54 -23.04
N SER A 76 -8.18 18.83 -24.16
CA SER A 76 -9.25 17.89 -24.45
C SER A 76 -9.28 16.74 -23.45
N ILE A 77 -8.16 16.45 -22.77
CA ILE A 77 -8.14 15.46 -21.69
C ILE A 77 -8.65 16.07 -20.39
N VAL A 78 -8.11 17.23 -20.03
CA VAL A 78 -8.48 17.90 -18.78
C VAL A 78 -9.95 18.28 -18.78
N ARG A 79 -10.53 18.49 -19.97
CA ARG A 79 -11.93 18.86 -20.08
C ARG A 79 -12.86 17.84 -19.41
N ARG A 80 -12.52 16.55 -19.51
CA ARG A 80 -13.50 15.48 -19.23
C ARG A 80 -13.77 15.41 -17.74
N PHE A 81 -14.71 16.27 -17.30
CA PHE A 81 -15.09 16.35 -15.89
C PHE A 81 -15.74 15.05 -15.41
N ASP A 82 -16.39 14.31 -16.30
CA ASP A 82 -17.05 13.05 -15.97
C ASP A 82 -16.07 11.88 -15.89
N GLN A 83 -14.84 12.02 -16.36
CA GLN A 83 -13.89 10.90 -16.47
C GLN A 83 -12.53 11.28 -15.90
N PRO A 84 -12.48 11.66 -14.63
CA PRO A 84 -11.20 12.06 -14.02
C PRO A 84 -10.19 10.95 -13.89
N GLN A 85 -10.59 9.68 -13.91
CA GLN A 85 -9.61 8.62 -13.77
C GLN A 85 -8.65 8.58 -14.97
N THR A 86 -9.04 9.17 -16.10
CA THR A 86 -8.14 9.20 -17.26
C THR A 86 -6.84 9.96 -16.98
N TYR A 87 -6.86 10.95 -16.09
CA TYR A 87 -5.63 11.69 -15.88
C TYR A 87 -5.34 12.03 -14.42
N LYS A 88 -6.02 11.37 -13.47
CA LYS A 88 -5.77 11.56 -12.04
C LYS A 88 -5.60 10.21 -11.34
N HIS A 89 -4.91 10.23 -10.22
CA HIS A 89 -4.71 9.01 -9.44
C HIS A 89 -5.77 8.91 -8.35
N PHE A 90 -5.79 7.74 -7.70
CA PHE A 90 -6.48 7.43 -6.44
C PHE A 90 -7.99 7.23 -6.60
N ILE A 91 -8.53 7.27 -7.80
CA ILE A 91 -9.97 7.17 -8.00
C ILE A 91 -10.30 5.74 -8.39
N LYS A 92 -11.22 5.14 -7.63
CA LYS A 92 -11.71 3.80 -7.95
C LYS A 92 -12.88 3.83 -8.92
N SER A 93 -13.87 4.68 -8.65
CA SER A 93 -15.03 4.81 -9.52
C SER A 93 -15.54 6.24 -9.40
N CYS A 94 -16.32 6.65 -10.39
CA CYS A 94 -16.80 8.02 -10.49
C CYS A 94 -18.14 7.98 -11.20
N SER A 95 -19.16 8.57 -10.62
CA SER A 95 -20.47 8.59 -11.26
C SER A 95 -20.94 10.02 -11.41
N VAL A 96 -21.64 10.29 -12.52
CA VAL A 96 -22.28 11.57 -12.76
C VAL A 96 -23.76 11.30 -12.98
N SER A 97 -24.56 12.38 -12.87
CA SER A 97 -26.02 12.26 -12.83
C SER A 97 -26.60 11.69 -14.13
N ASP A 98 -27.82 11.15 -14.01
CA ASP A 98 -28.54 10.68 -15.18
C ASP A 98 -28.62 11.76 -16.25
N ASN A 99 -29.11 12.95 -15.90
CA ASN A 99 -29.05 14.11 -16.78
C ASN A 99 -27.62 14.65 -16.72
N PHE A 100 -26.84 14.44 -17.78
CA PHE A 100 -25.48 14.96 -17.80
C PHE A 100 -25.19 15.64 -19.14
N THR A 101 -24.83 16.92 -19.08
CA THR A 101 -24.54 17.71 -20.26
C THR A 101 -23.18 18.43 -20.17
N MET A 102 -22.38 18.12 -19.15
CA MET A 102 -21.08 18.77 -18.96
C MET A 102 -21.22 20.27 -18.75
N ALA A 103 -22.30 20.67 -18.08
CA ALA A 103 -22.56 22.07 -17.83
C ALA A 103 -22.00 22.48 -16.46
N VAL A 104 -21.57 23.74 -16.36
CA VAL A 104 -21.25 24.31 -15.06
C VAL A 104 -22.42 24.06 -14.13
N GLY A 105 -22.12 23.62 -12.91
CA GLY A 105 -23.12 23.18 -11.96
C GLY A 105 -23.24 21.68 -11.85
N SER A 106 -22.62 20.92 -12.76
CA SER A 106 -22.67 19.47 -12.67
C SER A 106 -21.91 18.99 -11.43
N THR A 107 -22.31 17.83 -10.93
CA THR A 107 -21.64 17.21 -9.81
C THR A 107 -21.23 15.79 -10.17
N ARG A 108 -20.20 15.30 -9.49
CA ARG A 108 -19.77 13.93 -9.63
C ARG A 108 -19.48 13.35 -8.25
N ASP A 109 -19.70 12.06 -8.10
CA ASP A 109 -19.45 11.37 -6.84
C ASP A 109 -18.29 10.42 -7.06
N VAL A 110 -17.21 10.64 -6.33
CA VAL A 110 -15.99 9.87 -6.50
C VAL A 110 -15.82 8.89 -5.34
N ASN A 111 -15.41 7.67 -5.67
CA ASN A 111 -15.03 6.67 -4.67
C ASN A 111 -13.53 6.43 -4.78
N LEU A 112 -12.82 6.67 -3.70
CA LEU A 112 -11.37 6.58 -3.70
C LEU A 112 -10.90 5.14 -3.48
N ILE A 113 -9.69 4.86 -3.95
CA ILE A 113 -9.08 3.55 -3.74
C ILE A 113 -8.78 3.41 -2.25
N SER A 114 -8.45 2.20 -1.79
CA SER A 114 -8.19 2.03 -0.37
C SER A 114 -6.81 2.51 0.02
N GLY A 115 -6.61 2.69 1.33
CA GLY A 115 -5.31 2.96 1.91
C GLY A 115 -4.98 4.42 2.11
N LEU A 116 -5.94 5.32 1.95
CA LEU A 116 -5.69 6.75 1.96
C LEU A 116 -6.39 7.40 3.14
N PRO A 117 -6.02 8.63 3.48
CA PRO A 117 -6.73 9.34 4.55
C PRO A 117 -8.00 9.99 4.03
N ALA A 118 -8.78 9.24 3.24
CA ALA A 118 -9.93 9.73 2.48
C ALA A 118 -10.63 8.54 1.83
N ALA A 119 -11.94 8.66 1.63
CA ALA A 119 -12.65 7.52 1.05
C ALA A 119 -13.57 7.91 -0.08
N THR A 120 -14.24 9.06 0.01
CA THR A 120 -15.17 9.51 -1.02
C THR A 120 -15.03 11.02 -1.21
N SER A 121 -15.62 11.51 -2.29
CA SER A 121 -15.52 12.93 -2.62
C SER A 121 -16.69 13.30 -3.51
N THR A 122 -17.33 14.42 -3.18
CA THR A 122 -18.40 14.99 -4.00
C THR A 122 -17.95 16.35 -4.50
N GLU A 123 -18.04 16.55 -5.82
CA GLU A 123 -17.42 17.72 -6.45
C GLU A 123 -18.41 18.36 -7.40
N ARG A 124 -18.30 19.69 -7.52
CA ARG A 124 -19.13 20.49 -8.40
C ARG A 124 -18.24 21.21 -9.41
N LEU A 125 -18.59 21.10 -10.68
CA LEU A 125 -17.86 21.79 -11.74
C LEU A 125 -18.25 23.27 -11.70
N ASP A 126 -17.31 24.13 -11.29
CA ASP A 126 -17.59 25.56 -11.13
C ASP A 126 -17.12 26.42 -12.29
N ILE A 127 -16.10 25.99 -13.04
CA ILE A 127 -15.66 26.69 -14.25
C ILE A 127 -15.32 25.66 -15.32
N LEU A 128 -15.78 25.88 -16.55
CA LEU A 128 -15.35 25.11 -17.72
C LEU A 128 -15.34 26.08 -18.91
N ASP A 129 -14.20 26.73 -19.12
CA ASP A 129 -14.07 27.73 -20.18
C ASP A 129 -13.36 27.07 -21.34
N ASP A 130 -14.11 26.69 -22.38
CA ASP A 130 -13.44 26.08 -23.52
C ASP A 130 -12.64 27.11 -24.29
N ASP A 131 -12.93 28.40 -24.09
CA ASP A 131 -12.28 29.45 -24.86
C ASP A 131 -10.92 29.83 -24.26
N ARG A 132 -10.81 29.88 -22.95
CA ARG A 132 -9.55 30.16 -22.27
C ARG A 132 -8.89 28.90 -21.74
N GLN A 133 -9.51 27.73 -21.95
CA GLN A 133 -9.01 26.43 -21.50
C GLN A 133 -8.67 26.44 -20.01
N VAL A 134 -9.70 26.76 -19.21
CA VAL A 134 -9.59 26.77 -17.76
C VAL A 134 -10.71 25.91 -17.17
N LEU A 135 -10.38 25.13 -16.14
CA LEU A 135 -11.35 24.28 -15.47
C LEU A 135 -11.25 24.47 -13.97
N GLY A 136 -12.37 24.77 -13.33
CA GLY A 136 -12.41 24.94 -11.88
C GLY A 136 -13.43 24.04 -11.23
N ILE A 137 -13.06 23.48 -10.07
CA ILE A 137 -13.93 22.60 -9.30
C ILE A 137 -13.91 22.96 -7.83
N SER A 138 -15.02 22.70 -7.15
CA SER A 138 -15.14 22.85 -5.71
C SER A 138 -15.59 21.53 -5.08
N ILE A 139 -14.92 21.11 -4.01
CA ILE A 139 -15.30 19.91 -3.26
C ILE A 139 -16.42 20.28 -2.30
N ILE A 140 -17.60 19.70 -2.51
CA ILE A 140 -18.77 20.06 -1.71
C ILE A 140 -19.20 18.91 -0.80
N GLY A 141 -18.38 17.88 -0.61
CA GLY A 141 -18.78 16.79 0.27
C GLY A 141 -17.80 15.63 0.24
N GLY A 142 -18.19 14.57 0.95
CA GLY A 142 -17.42 13.34 1.02
C GLY A 142 -16.66 13.21 2.34
N GLU A 143 -16.05 12.05 2.52
CA GLU A 143 -15.29 11.76 3.72
C GLU A 143 -13.80 11.92 3.43
N HIS A 144 -13.23 13.01 3.93
CA HIS A 144 -11.86 13.42 3.70
C HIS A 144 -11.60 14.63 4.57
N ARG A 145 -10.35 15.06 4.60
CA ARG A 145 -9.95 16.17 5.47
C ARG A 145 -9.46 17.37 4.66
N LEU A 146 -10.04 17.61 3.49
CA LEU A 146 -9.78 18.83 2.70
C LEU A 146 -11.09 19.60 2.55
N ARG A 147 -11.56 20.16 3.66
CA ARG A 147 -12.83 20.87 3.59
C ARG A 147 -12.66 22.18 2.85
N ASN A 148 -13.61 22.47 1.95
CA ASN A 148 -13.65 23.74 1.20
C ASN A 148 -12.46 23.87 0.26
N TYR A 149 -12.05 22.74 -0.30
CA TYR A 149 -11.06 22.73 -1.36
C TYR A 149 -11.67 23.30 -2.62
N ARG A 150 -10.98 24.27 -3.21
CA ARG A 150 -11.29 24.82 -4.54
C ARG A 150 -10.01 24.81 -5.36
N SER A 151 -10.14 24.54 -6.65
CA SER A 151 -8.95 24.37 -7.46
C SER A 151 -9.25 24.82 -8.89
N VAL A 152 -8.21 25.36 -9.52
CA VAL A 152 -8.26 25.76 -10.90
C VAL A 152 -7.08 25.14 -11.62
N ILE A 153 -7.31 24.66 -12.83
CA ILE A 153 -6.25 24.25 -13.73
C ILE A 153 -6.41 25.03 -15.04
N SER A 154 -5.34 25.69 -15.47
CA SER A 154 -5.35 26.39 -16.76
C SER A 154 -4.24 25.85 -17.64
N VAL A 155 -4.52 25.82 -18.93
CA VAL A 155 -3.63 25.24 -19.93
C VAL A 155 -3.15 26.37 -20.85
N HIS A 156 -1.88 26.29 -21.23
CA HIS A 156 -1.20 27.35 -21.96
C HIS A 156 -0.26 26.74 -22.97
N GLY A 157 -0.37 27.18 -24.23
CA GLY A 157 0.50 26.70 -25.29
C GLY A 157 1.67 27.65 -25.52
N PHE A 158 2.77 27.09 -26.01
CA PHE A 158 3.97 27.85 -26.33
C PHE A 158 4.54 27.28 -27.63
N ASN A 159 4.93 28.17 -28.55
CA ASN A 159 5.64 27.80 -29.78
C ASN A 159 7.10 28.19 -29.64
N ARG A 160 7.98 27.26 -30.03
CA ARG A 160 9.43 27.40 -29.83
C ARG A 160 10.15 26.90 -31.07
N ASP A 161 10.13 27.72 -32.12
CA ASP A 161 10.74 27.37 -33.40
C ASP A 161 10.34 25.94 -33.78
N GLY A 162 9.03 25.77 -33.95
CA GLY A 162 8.45 24.52 -34.36
C GLY A 162 8.16 23.56 -33.23
N ALA A 163 8.79 23.74 -32.07
CA ALA A 163 8.58 22.89 -30.91
C ALA A 163 7.36 23.42 -30.15
N ILE A 164 6.31 22.60 -30.08
CA ILE A 164 5.02 23.05 -29.55
C ILE A 164 4.70 22.34 -28.24
N CYS A 165 5.09 22.93 -27.12
CA CYS A 165 4.84 22.32 -25.82
C CYS A 165 3.65 23.03 -25.14
N THR A 166 3.33 22.56 -23.94
CA THR A 166 2.26 23.09 -23.11
C THR A 166 2.78 23.22 -21.70
N VAL A 167 2.34 24.25 -21.00
CA VAL A 167 2.54 24.38 -19.55
C VAL A 167 1.17 24.40 -18.90
N ALA A 168 0.98 23.52 -17.92
CA ALA A 168 -0.26 23.46 -17.16
C ALA A 168 -0.04 24.04 -15.77
N LEU A 169 -0.93 24.92 -15.36
CA LEU A 169 -0.92 25.52 -14.04
C LEU A 169 -2.12 25.01 -13.27
N GLU A 170 -1.87 24.55 -12.06
CA GLU A 170 -2.93 24.16 -11.13
C GLU A 170 -2.65 24.88 -9.81
N SER A 171 -3.68 25.52 -9.27
CA SER A 171 -3.64 26.03 -7.90
C SER A 171 -4.82 25.44 -7.11
N TYR A 172 -4.83 25.67 -5.80
CA TYR A 172 -5.99 25.34 -4.96
C TYR A 172 -5.97 26.23 -3.73
N VAL A 173 -7.12 26.28 -3.05
CA VAL A 173 -7.24 26.80 -1.69
C VAL A 173 -8.02 25.79 -0.86
N VAL A 174 -7.72 25.72 0.43
CA VAL A 174 -8.35 24.71 1.28
C VAL A 174 -8.16 25.11 2.73
N ASP A 175 -9.09 24.69 3.57
CA ASP A 175 -8.98 24.90 5.01
C ASP A 175 -7.89 24.02 5.60
N VAL A 176 -7.15 24.56 6.55
CA VAL A 176 -6.24 23.71 7.30
C VAL A 176 -7.07 22.93 8.32
N PRO A 177 -7.12 21.59 8.24
CA PRO A 177 -7.93 20.83 9.20
C PRO A 177 -7.36 20.98 10.60
N GLU A 178 -8.25 21.04 11.58
CA GLU A 178 -7.82 21.25 12.94
C GLU A 178 -6.91 20.11 13.38
N GLY A 179 -5.82 20.47 14.08
CA GLY A 179 -4.79 19.53 14.46
C GLY A 179 -3.54 19.55 13.60
N ASN A 180 -3.58 20.16 12.41
CA ASN A 180 -2.45 20.26 11.50
C ASN A 180 -2.06 21.72 11.26
N THR A 181 -0.83 21.89 10.74
CA THR A 181 -0.30 23.19 10.32
C THR A 181 -0.58 23.44 8.83
N GLU A 182 -0.18 24.63 8.37
CA GLU A 182 -0.27 24.95 6.95
C GLU A 182 0.73 24.15 6.14
N GLU A 183 1.91 23.90 6.68
CA GLU A 183 2.91 23.17 5.90
C GLU A 183 2.54 21.70 5.80
N ASP A 184 1.92 21.12 6.83
CA ASP A 184 1.32 19.80 6.69
C ASP A 184 0.33 19.77 5.54
N THR A 185 -0.59 20.74 5.51
CA THR A 185 -1.64 20.75 4.49
C THR A 185 -1.04 20.90 3.10
N ARG A 186 -0.24 21.93 2.88
CA ARG A 186 0.34 22.11 1.56
C ARG A 186 1.26 20.96 1.20
N LEU A 187 1.90 20.34 2.20
CA LEU A 187 2.74 19.20 1.86
C LEU A 187 1.90 18.06 1.31
N PHE A 188 0.77 17.77 1.97
CA PHE A 188 -0.12 16.71 1.51
C PHE A 188 -0.79 17.10 0.19
N ALA A 189 -1.43 18.26 0.16
CA ALA A 189 -2.15 18.69 -1.05
C ALA A 189 -1.19 18.81 -2.25
N ASP A 190 -0.07 19.49 -2.07
CA ASP A 190 0.92 19.58 -3.14
C ASP A 190 1.31 18.20 -3.69
N THR A 191 1.48 17.20 -2.80
CA THR A 191 1.93 15.90 -3.28
C THR A 191 0.91 15.30 -4.25
N VAL A 192 -0.38 15.39 -3.90
CA VAL A 192 -1.39 14.78 -4.74
C VAL A 192 -1.54 15.53 -6.06
N VAL A 193 -1.32 16.85 -6.06
CA VAL A 193 -1.41 17.65 -7.29
C VAL A 193 -0.21 17.37 -8.20
N LYS A 194 1.00 17.41 -7.64
CA LYS A 194 2.17 17.02 -8.41
C LYS A 194 2.01 15.63 -9.01
N LEU A 195 1.50 14.67 -8.22
CA LEU A 195 1.37 13.32 -8.75
C LEU A 195 0.39 13.27 -9.90
N ASN A 196 -0.72 13.97 -9.78
CA ASN A 196 -1.73 13.96 -10.83
C ASN A 196 -1.17 14.64 -12.09
N LEU A 197 -0.61 15.85 -11.95
CA LEU A 197 0.04 16.51 -13.08
C LEU A 197 1.04 15.58 -13.78
N GLN A 198 1.75 14.74 -13.01
CA GLN A 198 2.67 13.81 -13.64
C GLN A 198 1.94 12.74 -14.45
N LYS A 199 0.75 12.34 -14.02
CA LYS A 199 -0.02 11.40 -14.84
C LYS A 199 -0.47 12.06 -16.14
N LEU A 200 -1.02 13.27 -16.04
CA LEU A 200 -1.44 14.04 -17.20
C LEU A 200 -0.32 14.15 -18.23
N VAL A 201 0.91 14.41 -17.78
CA VAL A 201 2.06 14.39 -18.68
C VAL A 201 2.05 13.11 -19.51
N SER A 202 2.05 11.95 -18.84
CA SER A 202 2.24 10.71 -19.56
C SER A 202 1.06 10.42 -20.48
N VAL A 203 -0.16 10.68 -20.01
CA VAL A 203 -1.34 10.45 -20.84
C VAL A 203 -1.35 11.36 -22.07
N ALA A 204 -1.01 12.64 -21.91
CA ALA A 204 -1.09 13.57 -23.04
C ALA A 204 0.03 13.33 -24.04
N GLU A 205 1.26 13.20 -23.56
CA GLU A 205 2.38 12.94 -24.45
C GLU A 205 2.23 11.61 -25.18
N SER A 206 1.43 10.69 -24.63
CA SER A 206 1.17 9.42 -25.29
C SER A 206 0.32 9.58 -26.55
N GLN A 207 -0.38 10.70 -26.69
CA GLN A 207 -1.33 10.91 -27.79
C GLN A 207 -0.96 12.14 -28.64
N CYS B 8 7.87 -33.83 10.64
CA CYS B 8 7.32 -32.48 10.58
C CYS B 8 6.04 -32.44 9.73
N ILE B 9 4.93 -32.90 10.30
CA ILE B 9 3.63 -32.84 9.64
C ILE B 9 3.02 -31.46 9.84
N PRO B 10 2.60 -30.78 8.79
CA PRO B 10 2.12 -29.39 8.94
C PRO B 10 0.68 -29.33 9.42
N LEU B 11 0.48 -28.59 10.50
CA LEU B 11 -0.83 -28.39 11.12
C LEU B 11 -1.16 -26.89 11.07
N TRP B 12 -2.20 -26.54 10.33
CA TRP B 12 -2.55 -25.15 10.10
C TRP B 12 -4.05 -25.05 9.80
N GLY B 13 -4.59 -23.85 10.02
CA GLY B 13 -5.89 -23.49 9.50
C GLY B 13 -5.91 -22.03 9.07
N VAL B 14 -6.93 -21.68 8.30
CA VAL B 14 -6.94 -20.37 7.63
C VAL B 14 -8.34 -19.80 7.59
N VAL B 15 -8.43 -18.48 7.77
CA VAL B 15 -9.63 -17.70 7.54
C VAL B 15 -9.21 -16.37 6.91
N SER B 16 -9.97 -15.92 5.93
CA SER B 16 -9.65 -14.70 5.20
C SER B 16 -10.96 -14.06 4.80
N ILE B 17 -11.38 -12.99 5.48
CA ILE B 17 -12.69 -12.43 5.19
C ILE B 17 -12.57 -10.96 4.76
N GLN B 18 -13.59 -10.53 4.02
CA GLN B 18 -13.70 -9.15 3.55
C GLN B 18 -14.20 -8.21 4.64
N GLY B 19 -15.19 -8.64 5.42
CA GLY B 19 -15.73 -7.78 6.47
C GLY B 19 -16.51 -6.62 5.87
N ASN B 20 -16.42 -5.46 6.53
CA ASN B 20 -17.16 -4.26 6.14
C ASN B 20 -16.55 -3.47 4.98
N ARG B 21 -15.51 -3.97 4.32
CA ARG B 21 -14.91 -3.22 3.22
C ARG B 21 -15.65 -3.49 1.91
N SER B 22 -15.68 -2.46 1.05
CA SER B 22 -16.26 -2.63 -0.28
C SER B 22 -15.43 -3.58 -1.15
N GLU B 23 -14.16 -3.78 -0.82
CA GLU B 23 -13.27 -4.61 -1.62
C GLU B 23 -12.51 -5.58 -0.73
N MET B 24 -12.19 -6.75 -1.28
CA MET B 24 -11.29 -7.71 -0.64
C MET B 24 -9.88 -7.50 -1.18
N GLU B 25 -8.97 -7.10 -0.33
CA GLU B 25 -7.62 -6.86 -0.81
C GLU B 25 -6.58 -7.64 -0.01
N ASP B 26 -7.01 -8.49 0.93
CA ASP B 26 -6.15 -9.47 1.55
C ASP B 26 -5.97 -10.66 0.62
N ALA B 27 -4.78 -11.26 0.68
CA ALA B 27 -4.51 -12.54 0.04
C ALA B 27 -3.58 -13.32 0.96
N PHE B 28 -3.52 -14.63 0.76
CA PHE B 28 -2.68 -15.49 1.58
C PHE B 28 -2.32 -16.71 0.76
N ALA B 29 -1.20 -17.33 1.11
CA ALA B 29 -0.78 -18.54 0.42
C ALA B 29 -0.29 -19.57 1.44
N VAL B 30 -0.62 -20.84 1.23
CA VAL B 30 -0.11 -21.92 2.06
C VAL B 30 0.45 -22.99 1.15
N SER B 31 1.72 -23.31 1.31
CA SER B 31 2.36 -24.30 0.44
C SER B 31 3.11 -25.31 1.31
N PRO B 32 2.43 -26.37 1.75
CA PRO B 32 3.08 -27.36 2.60
C PRO B 32 3.99 -28.30 1.82
N HIS B 33 5.06 -28.75 2.48
CA HIS B 33 6.06 -29.61 1.84
C HIS B 33 6.61 -28.95 0.59
N PHE B 34 6.71 -27.63 0.63
CA PHE B 34 7.05 -26.88 -0.57
C PHE B 34 8.53 -27.04 -0.95
N LEU B 35 9.43 -26.78 -0.01
CA LEU B 35 10.86 -26.72 -0.31
C LEU B 35 11.63 -27.81 0.42
N LYS B 36 12.75 -28.23 -0.18
CA LYS B 36 13.72 -29.13 0.46
C LYS B 36 14.98 -28.31 0.72
N LEU B 37 15.19 -27.95 1.98
CA LEU B 37 16.30 -27.10 2.39
C LEU B 37 17.52 -27.97 2.69
N PRO B 38 18.72 -27.57 2.26
CA PRO B 38 19.91 -28.33 2.65
C PRO B 38 20.11 -28.23 4.15
N ILE B 39 20.60 -29.32 4.73
CA ILE B 39 20.94 -29.32 6.15
C ILE B 39 21.91 -28.18 6.46
N LYS B 40 22.91 -27.97 5.60
CA LYS B 40 23.90 -26.90 5.79
C LYS B 40 23.24 -25.54 5.94
N MET B 41 22.04 -25.36 5.39
CA MET B 41 21.35 -24.08 5.46
C MET B 41 20.67 -23.82 6.80
N LEU B 42 20.60 -24.83 7.66
CA LEU B 42 19.91 -24.69 8.93
C LEU B 42 20.79 -24.93 10.13
N MET B 43 21.70 -25.89 10.06
CA MET B 43 22.51 -26.25 11.22
C MET B 43 23.87 -26.79 10.78
N GLY B 44 24.76 -26.92 11.75
CA GLY B 44 26.12 -27.39 11.50
C GLY B 44 26.29 -28.82 11.93
N ASP B 45 27.02 -29.58 11.11
CA ASP B 45 27.23 -31.00 11.36
C ASP B 45 27.72 -31.23 12.78
N HIS B 46 27.23 -32.31 13.39
CA HIS B 46 27.53 -32.61 14.77
C HIS B 46 27.28 -34.10 15.02
N GLU B 47 27.44 -34.50 16.28
CA GLU B 47 27.33 -35.90 16.65
C GLU B 47 25.88 -36.24 16.90
N THR B 54 21.74 -34.94 4.66
CA THR B 54 20.30 -35.08 4.43
C THR B 54 19.64 -33.73 4.07
N HIS B 55 18.30 -33.67 4.13
CA HIS B 55 17.56 -32.44 3.83
C HIS B 55 16.36 -32.33 4.74
N LEU B 56 15.82 -31.12 4.87
CA LEU B 56 14.66 -30.85 5.70
C LEU B 56 13.56 -30.20 4.87
N THR B 57 12.36 -30.75 4.95
CA THR B 57 11.20 -30.17 4.27
C THR B 57 10.75 -28.89 4.95
N GLY B 58 10.45 -27.88 4.15
CA GLY B 58 10.01 -26.59 4.63
C GLY B 58 8.62 -26.30 4.11
N HIS B 59 7.80 -25.69 4.96
CA HIS B 59 6.41 -25.43 4.65
C HIS B 59 6.22 -23.92 4.56
N PHE B 60 5.60 -23.46 3.48
CA PHE B 60 5.50 -22.02 3.20
C PHE B 60 4.14 -21.45 3.60
N PHE B 61 4.16 -20.41 4.42
CA PHE B 61 2.95 -19.66 4.75
C PHE B 61 3.15 -18.18 4.42
N GLY B 62 2.12 -17.52 3.86
CA GLY B 62 2.18 -16.09 3.54
C GLY B 62 0.86 -15.33 3.65
N VAL B 63 0.88 -14.14 4.25
CA VAL B 63 -0.26 -13.23 4.31
C VAL B 63 0.12 -11.95 3.58
N TYR B 64 -0.79 -11.40 2.79
CA TYR B 64 -0.51 -10.22 1.96
C TYR B 64 -1.69 -9.28 2.06
N ASP B 65 -1.48 -8.15 2.70
CA ASP B 65 -2.52 -7.13 2.92
C ASP B 65 -2.37 -6.05 1.85
N GLY B 66 -3.22 -6.10 0.81
CA GLY B 66 -3.09 -5.14 -0.30
C GLY B 66 -3.65 -3.78 0.05
N HIS B 67 -3.14 -2.74 -0.62
CA HIS B 67 -3.72 -1.40 -0.47
C HIS B 67 -3.76 -0.70 -1.82
N GLY B 68 -4.80 0.09 -2.02
CA GLY B 68 -4.98 0.78 -3.27
C GLY B 68 -5.54 -0.10 -4.36
N GLY B 69 -5.75 -1.38 -4.08
CA GLY B 69 -6.14 -2.33 -5.10
C GLY B 69 -5.79 -3.72 -4.63
N HIS B 70 -6.17 -4.69 -5.46
CA HIS B 70 -5.93 -6.07 -5.09
C HIS B 70 -4.83 -6.73 -5.92
N LYS B 71 -4.33 -6.07 -6.96
CA LYS B 71 -3.50 -6.81 -7.91
C LYS B 71 -2.17 -7.25 -7.32
N VAL B 72 -1.57 -6.41 -6.48
CA VAL B 72 -0.27 -6.73 -5.89
C VAL B 72 -0.40 -7.87 -4.86
N ALA B 73 -1.36 -7.78 -3.95
CA ALA B 73 -1.52 -8.90 -3.01
C ALA B 73 -1.73 -10.20 -3.75
N ASP B 74 -2.56 -10.18 -4.81
CA ASP B 74 -2.81 -11.39 -5.58
C ASP B 74 -1.54 -11.93 -6.21
N TYR B 75 -0.71 -11.02 -6.77
CA TYR B 75 0.55 -11.41 -7.38
C TYR B 75 1.45 -12.08 -6.37
N CYS B 76 1.58 -11.47 -5.19
CA CYS B 76 2.35 -12.09 -4.13
C CYS B 76 1.82 -13.49 -3.85
N ARG B 77 0.49 -13.64 -3.74
CA ARG B 77 -0.08 -14.95 -3.47
C ARG B 77 0.38 -15.97 -4.51
N ASP B 78 0.47 -15.56 -5.77
CA ASP B 78 0.64 -16.53 -6.84
C ASP B 78 2.12 -16.85 -7.13
N ARG B 79 3.06 -16.08 -6.60
CA ARG B 79 4.41 -16.00 -7.15
C ARG B 79 5.52 -15.87 -6.12
N LEU B 80 5.28 -15.25 -4.96
CA LEU B 80 6.36 -15.01 -4.01
C LEU B 80 7.09 -16.30 -3.66
N HIS B 81 6.33 -17.34 -3.31
CA HIS B 81 6.98 -18.57 -2.87
C HIS B 81 7.83 -19.18 -3.99
N PHE B 82 7.36 -19.10 -5.25
CA PHE B 82 8.21 -19.56 -6.34
C PHE B 82 9.47 -18.70 -6.48
N ALA B 83 9.39 -17.41 -6.14
CA ALA B 83 10.59 -16.59 -6.23
C ALA B 83 11.60 -16.98 -5.16
N LEU B 84 11.10 -17.31 -3.96
CA LEU B 84 11.95 -17.84 -2.90
C LEU B 84 12.59 -19.15 -3.33
N ALA B 85 11.79 -20.08 -3.84
CA ALA B 85 12.36 -21.32 -4.34
C ALA B 85 13.51 -21.07 -5.29
N GLU B 86 13.34 -20.11 -6.23
CA GLU B 86 14.39 -19.84 -7.21
C GLU B 86 15.67 -19.34 -6.53
N GLU B 87 15.55 -18.52 -5.49
CA GLU B 87 16.72 -18.09 -4.74
C GLU B 87 17.38 -19.29 -4.07
N ILE B 88 16.59 -20.08 -3.32
CA ILE B 88 17.10 -21.32 -2.72
C ILE B 88 17.82 -22.16 -3.76
N GLU B 89 17.20 -22.39 -4.92
CA GLU B 89 17.85 -23.21 -5.93
C GLU B 89 19.16 -22.59 -6.40
N ARG B 90 19.25 -21.26 -6.37
CA ARG B 90 20.52 -20.63 -6.75
C ARG B 90 21.62 -21.00 -5.76
N ILE B 91 21.37 -20.81 -4.46
CA ILE B 91 22.40 -21.05 -3.46
C ILE B 91 22.78 -22.53 -3.41
N LYS B 92 21.81 -23.42 -3.61
CA LYS B 92 22.09 -24.85 -3.67
C LYS B 92 23.13 -25.15 -4.74
N ASP B 93 22.94 -24.62 -5.96
CA ASP B 93 23.93 -24.80 -7.01
C ASP B 93 25.26 -24.18 -6.61
N GLU B 94 25.23 -23.01 -5.98
CA GLU B 94 26.46 -22.41 -5.45
C GLU B 94 27.10 -23.37 -4.45
N LEU B 95 26.42 -23.64 -3.34
CA LEU B 95 26.94 -24.58 -2.36
C LEU B 95 27.10 -25.98 -2.97
N GLY B 103 28.10 -15.19 8.45
CA GLY B 103 27.33 -16.10 9.30
C GLY B 103 26.37 -17.01 8.54
N ARG B 104 25.34 -17.49 9.25
CA ARG B 104 24.25 -18.27 8.66
C ARG B 104 22.90 -17.58 8.79
N GLN B 105 22.74 -16.73 9.78
CA GLN B 105 21.65 -15.77 9.78
C GLN B 105 21.76 -14.80 8.62
N VAL B 106 22.97 -14.60 8.08
CA VAL B 106 23.20 -13.63 7.02
C VAL B 106 22.67 -14.17 5.70
N GLN B 107 22.80 -15.48 5.48
CA GLN B 107 22.33 -16.05 4.23
C GLN B 107 20.81 -15.97 4.14
N TRP B 108 20.11 -16.17 5.26
CA TRP B 108 18.65 -16.10 5.20
C TRP B 108 18.19 -14.67 4.92
N ASP B 109 18.79 -13.68 5.58
CA ASP B 109 18.38 -12.30 5.32
C ASP B 109 18.72 -11.91 3.88
N LYS B 110 19.77 -12.52 3.30
CA LYS B 110 20.11 -12.30 1.90
C LYS B 110 19.11 -12.98 0.97
N VAL B 111 18.70 -14.20 1.33
CA VAL B 111 17.80 -14.97 0.49
C VAL B 111 16.43 -14.32 0.41
N PHE B 112 15.91 -13.85 1.55
CA PHE B 112 14.60 -13.19 1.51
C PHE B 112 14.67 -11.78 0.95
N THR B 113 15.76 -11.06 1.19
CA THR B 113 15.84 -9.71 0.66
C THR B 113 15.83 -9.75 -0.86
N SER B 114 16.60 -10.65 -1.47
CA SER B 114 16.59 -10.75 -2.94
C SER B 114 15.21 -11.17 -3.44
N CYS B 115 14.55 -12.08 -2.74
CA CYS B 115 13.26 -12.57 -3.22
C CYS B 115 12.19 -11.48 -3.13
N PHE B 116 12.16 -10.71 -2.04
CA PHE B 116 11.22 -9.60 -1.96
C PHE B 116 11.54 -8.52 -2.99
N LEU B 117 12.83 -8.27 -3.25
CA LEU B 117 13.18 -7.25 -4.23
C LEU B 117 12.85 -7.70 -5.65
N THR B 118 13.06 -8.98 -5.95
CA THR B 118 12.70 -9.52 -7.26
C THR B 118 11.20 -9.35 -7.51
N VAL B 119 10.37 -9.67 -6.52
CA VAL B 119 8.93 -9.54 -6.70
C VAL B 119 8.52 -8.07 -6.81
N ASP B 120 9.10 -7.22 -5.97
CA ASP B 120 8.83 -5.79 -6.07
C ASP B 120 9.19 -5.26 -7.46
N GLY B 121 10.30 -5.75 -8.02
CA GLY B 121 10.71 -5.30 -9.35
C GLY B 121 9.81 -5.83 -10.45
N GLU B 122 9.38 -7.08 -10.34
CA GLU B 122 8.42 -7.62 -11.30
C GLU B 122 7.11 -6.82 -11.29
N ILE B 123 6.64 -6.40 -10.10
CA ILE B 123 5.37 -5.68 -10.01
C ILE B 123 5.49 -4.28 -10.57
N GLU B 124 6.55 -3.57 -10.18
CA GLU B 124 6.76 -2.22 -10.68
C GLU B 124 7.08 -2.19 -12.17
N GLY B 125 7.29 -3.35 -12.81
CA GLY B 125 7.47 -3.41 -14.24
C GLY B 125 8.89 -3.23 -14.72
N LYS B 126 9.86 -3.34 -13.81
CA LYS B 126 11.27 -3.13 -14.13
C LYS B 126 12.08 -4.42 -14.13
N ILE B 127 11.43 -5.57 -13.91
CA ILE B 127 12.03 -6.90 -13.99
C ILE B 127 11.11 -7.77 -14.83
N GLY B 128 11.71 -8.67 -15.62
CA GLY B 128 10.94 -9.50 -16.52
C GLY B 128 10.26 -10.66 -15.83
N ARG B 129 9.35 -11.30 -16.56
CA ARG B 129 8.58 -12.43 -16.02
C ARG B 129 7.77 -13.07 -17.14
N ALA B 130 7.48 -14.36 -16.98
CA ALA B 130 6.73 -15.09 -17.99
C ALA B 130 5.22 -15.08 -17.70
N LYS B 137 9.77 -13.52 -21.72
CA LYS B 137 9.74 -12.90 -20.39
C LYS B 137 9.21 -11.48 -20.50
N VAL B 138 7.95 -11.27 -20.12
CA VAL B 138 7.32 -9.97 -20.28
C VAL B 138 7.91 -8.98 -19.27
N LEU B 139 7.85 -7.70 -19.63
CA LEU B 139 8.34 -6.61 -18.78
C LEU B 139 7.20 -5.63 -18.51
N GLU B 140 6.05 -6.15 -18.10
CA GLU B 140 4.84 -5.36 -17.91
C GLU B 140 4.61 -5.11 -16.42
N ALA B 141 4.27 -3.87 -16.08
CA ALA B 141 3.89 -3.55 -14.72
C ALA B 141 2.66 -4.36 -14.32
N VAL B 142 2.76 -5.08 -13.21
CA VAL B 142 1.66 -5.93 -12.75
C VAL B 142 0.41 -5.11 -12.48
N ALA B 143 0.55 -4.00 -11.73
CA ALA B 143 -0.58 -3.19 -11.29
C ALA B 143 -0.28 -1.71 -11.55
N SER B 144 -1.22 -0.86 -11.13
CA SER B 144 -1.02 0.57 -11.22
C SER B 144 0.04 1.04 -10.22
N GLU B 145 0.45 2.29 -10.42
CA GLU B 145 1.55 2.89 -9.69
C GLU B 145 1.24 3.10 -8.23
N THR B 146 -0.04 3.21 -7.90
CA THR B 146 -0.50 3.44 -6.53
C THR B 146 -0.92 2.15 -5.79
N VAL B 147 -0.77 0.96 -6.39
CA VAL B 147 -1.16 -0.29 -5.70
C VAL B 147 0.05 -0.91 -5.04
N GLY B 148 -0.15 -1.43 -3.82
CA GLY B 148 0.94 -2.12 -3.15
C GLY B 148 0.45 -3.21 -2.21
N SER B 149 1.34 -3.71 -1.36
CA SER B 149 0.87 -4.73 -0.43
C SER B 149 1.92 -4.99 0.64
N THR B 150 1.46 -5.37 1.83
CA THR B 150 2.38 -5.94 2.78
C THR B 150 2.71 -7.37 2.38
N ALA B 151 3.70 -7.93 3.08
CA ALA B 151 4.04 -9.33 2.96
C ALA B 151 4.62 -9.77 4.30
N VAL B 152 3.98 -10.76 4.93
CA VAL B 152 4.61 -11.46 6.04
C VAL B 152 4.61 -12.93 5.67
N VAL B 153 5.79 -13.54 5.75
CA VAL B 153 6.07 -14.86 5.18
C VAL B 153 6.81 -15.70 6.23
N ALA B 154 6.40 -16.96 6.38
CA ALA B 154 7.01 -17.88 7.35
C ALA B 154 7.36 -19.21 6.68
N LEU B 155 8.63 -19.60 6.79
CA LEU B 155 9.04 -20.97 6.48
C LEU B 155 9.20 -21.74 7.78
N VAL B 156 8.73 -22.98 7.78
CA VAL B 156 8.68 -23.78 8.99
C VAL B 156 9.21 -25.16 8.65
N CYS B 157 10.25 -25.59 9.35
CA CYS B 157 10.74 -26.95 9.25
C CYS B 157 10.86 -27.50 10.66
N SER B 158 11.36 -28.72 10.79
CA SER B 158 11.44 -29.32 12.12
C SER B 158 12.32 -28.49 13.05
N SER B 159 13.47 -28.02 12.57
CA SER B 159 14.42 -27.35 13.44
C SER B 159 14.22 -25.84 13.56
N HIS B 160 13.67 -25.18 12.55
CA HIS B 160 13.69 -23.72 12.56
C HIS B 160 12.42 -23.12 11.99
N ILE B 161 12.24 -21.84 12.31
CA ILE B 161 11.24 -20.96 11.72
C ILE B 161 11.96 -19.72 11.21
N VAL B 162 11.73 -19.36 9.96
CA VAL B 162 12.30 -18.15 9.37
C VAL B 162 11.14 -17.25 8.97
N VAL B 163 11.06 -16.08 9.58
CA VAL B 163 10.03 -15.11 9.24
C VAL B 163 10.66 -13.95 8.48
N SER B 164 9.96 -13.49 7.44
CA SER B 164 10.36 -12.36 6.61
C SER B 164 9.18 -11.40 6.50
N ASN B 165 9.37 -10.17 6.96
CA ASN B 165 8.27 -9.23 7.16
C ASN B 165 8.57 -7.93 6.42
N CYS B 166 7.56 -7.43 5.70
CA CYS B 166 7.62 -6.16 5.01
C CYS B 166 6.23 -5.53 5.12
N GLY B 167 6.04 -4.62 6.10
CA GLY B 167 4.82 -3.87 6.32
C GLY B 167 4.32 -4.02 7.76
N ASP B 168 3.00 -3.87 7.92
CA ASP B 168 2.34 -3.94 9.22
C ASP B 168 1.46 -5.18 9.40
N SER B 169 1.54 -6.16 8.50
CA SER B 169 1.12 -7.53 8.85
C SER B 169 2.13 -8.14 9.83
N ARG B 170 1.70 -9.16 10.55
CA ARG B 170 2.48 -9.55 11.71
C ARG B 170 2.50 -11.06 11.91
N ALA B 171 3.62 -11.55 12.44
CA ALA B 171 3.79 -12.95 12.74
C ALA B 171 4.19 -13.08 14.20
N VAL B 172 3.38 -13.76 14.99
CA VAL B 172 3.64 -13.87 16.42
C VAL B 172 3.83 -15.35 16.78
N LEU B 173 4.88 -15.60 17.56
CA LEU B 173 5.20 -16.92 18.07
C LEU B 173 4.76 -17.02 19.54
N PHE B 174 4.06 -18.09 19.89
CA PHE B 174 3.70 -18.33 21.29
C PHE B 174 4.61 -19.42 21.84
N ARG B 175 5.43 -19.07 22.81
CA ARG B 175 6.46 -19.95 23.33
C ARG B 175 6.37 -19.99 24.85
N GLY B 176 6.15 -21.17 25.41
CA GLY B 176 5.87 -21.21 26.83
C GLY B 176 4.57 -20.47 27.04
N LYS B 177 4.59 -19.45 27.89
CA LYS B 177 3.42 -18.61 28.09
C LYS B 177 3.62 -17.20 27.53
N GLU B 178 4.53 -17.01 26.57
CA GLU B 178 4.90 -15.68 26.13
C GLU B 178 4.73 -15.53 24.63
N ALA B 179 3.90 -14.58 24.22
CA ALA B 179 3.80 -14.19 22.82
C ALA B 179 5.03 -13.38 22.40
N MET B 180 5.68 -13.81 21.33
CA MET B 180 6.90 -13.19 20.83
C MET B 180 6.65 -12.81 19.39
N PRO B 181 6.53 -11.52 19.05
CA PRO B 181 6.43 -11.15 17.64
C PRO B 181 7.74 -11.45 16.91
N LEU B 182 7.63 -12.17 15.79
CA LEU B 182 8.77 -12.45 14.93
C LEU B 182 8.96 -11.38 13.84
N SER B 183 8.02 -10.44 13.73
CA SER B 183 8.04 -9.32 12.82
C SER B 183 7.96 -8.03 13.64
N VAL B 184 8.27 -6.90 13.01
CA VAL B 184 8.00 -5.60 13.62
C VAL B 184 7.40 -4.67 12.56
N ASP B 185 6.30 -4.02 12.93
CA ASP B 185 5.48 -3.24 12.00
C ASP B 185 6.27 -2.08 11.38
N HIS B 186 6.23 -1.97 10.05
CA HIS B 186 6.93 -0.89 9.33
C HIS B 186 5.97 0.28 9.15
N LYS B 187 5.87 1.08 10.19
CA LYS B 187 5.04 2.25 10.25
C LYS B 187 5.94 3.47 10.20
N PRO B 188 5.58 4.52 9.46
CA PRO B 188 6.51 5.66 9.31
C PRO B 188 6.76 6.43 10.60
N ASP B 189 6.05 6.17 11.69
CA ASP B 189 6.36 6.93 12.90
C ASP B 189 7.25 6.18 13.86
N ARG B 190 7.68 4.96 13.49
CA ARG B 190 8.69 4.23 14.25
C ARG B 190 10.03 4.94 14.14
N GLU B 191 10.75 5.01 15.25
CA GLU B 191 11.94 5.88 15.35
C GLU B 191 12.91 5.68 14.19
N ASP B 192 13.26 4.42 13.90
CA ASP B 192 14.26 4.16 12.87
C ASP B 192 13.72 4.37 11.46
N GLU B 193 12.46 4.03 11.22
CA GLU B 193 11.88 4.25 9.91
C GLU B 193 11.74 5.72 9.60
N TYR B 194 11.30 6.50 10.59
CA TYR B 194 11.19 7.94 10.43
C TYR B 194 12.51 8.54 10.00
N ALA B 195 13.60 8.18 10.70
CA ALA B 195 14.92 8.69 10.34
C ALA B 195 15.30 8.27 8.93
N ARG B 196 15.13 6.99 8.62
CA ARG B 196 15.44 6.50 7.28
C ARG B 196 14.74 7.35 6.23
N ILE B 197 13.45 7.64 6.43
CA ILE B 197 12.67 8.28 5.38
C ILE B 197 13.11 9.73 5.17
N GLU B 198 13.41 10.46 6.25
CA GLU B 198 13.93 11.83 6.08
C GLU B 198 15.36 11.84 5.56
N ASN B 199 16.18 10.88 5.97
CA ASN B 199 17.51 10.75 5.38
C ASN B 199 17.44 10.56 3.87
N ALA B 200 16.40 9.90 3.38
CA ALA B 200 16.20 9.65 1.97
C ALA B 200 15.52 10.81 1.26
N GLY B 201 15.31 11.94 1.94
CA GLY B 201 14.63 13.08 1.37
C GLY B 201 13.14 13.15 1.64
N GLY B 202 12.52 12.14 2.26
CA GLY B 202 11.08 12.13 2.42
C GLY B 202 10.62 12.90 3.64
N LYS B 203 9.30 13.05 3.74
CA LYS B 203 8.69 13.60 4.94
C LYS B 203 7.55 12.70 5.41
N VAL B 204 7.28 12.75 6.71
CA VAL B 204 6.22 11.98 7.35
C VAL B 204 5.37 12.95 8.16
N ILE B 205 4.06 12.94 7.90
CA ILE B 205 3.17 13.82 8.64
C ILE B 205 1.98 13.08 9.23
N GLN B 206 1.45 13.66 10.29
CA GLN B 206 0.25 13.20 10.99
C GLN B 206 -0.99 13.65 10.24
N TRP B 207 -1.58 12.74 9.49
CA TRP B 207 -2.73 13.05 8.67
C TRP B 207 -3.61 11.81 8.75
N GLN B 208 -4.37 11.69 9.84
CA GLN B 208 -5.12 10.46 10.14
C GLN B 208 -4.14 9.31 10.28
N GLY B 209 -3.23 9.45 11.24
CA GLY B 209 -2.13 8.54 11.37
C GLY B 209 -0.88 9.05 10.67
N ALA B 210 0.27 8.52 11.08
CA ALA B 210 1.53 8.88 10.44
C ALA B 210 1.55 8.30 9.04
N ARG B 211 1.91 9.13 8.05
CA ARG B 211 1.90 8.74 6.64
C ARG B 211 3.05 9.42 5.90
N VAL B 212 3.67 8.69 4.98
CA VAL B 212 4.68 9.23 4.07
C VAL B 212 4.01 10.26 3.17
N PHE B 213 4.52 11.50 3.20
CA PHE B 213 3.90 12.63 2.50
C PHE B 213 2.41 12.73 2.76
N GLY B 214 1.95 12.12 3.86
CA GLY B 214 0.55 12.25 4.27
C GLY B 214 -0.38 11.31 3.57
N VAL B 215 0.16 10.33 2.85
CA VAL B 215 -0.61 9.47 1.97
C VAL B 215 -0.65 8.03 2.47
N LEU B 216 0.52 7.43 2.68
CA LEU B 216 0.63 6.00 2.94
C LEU B 216 1.04 5.75 4.38
N ALA B 217 0.18 5.01 5.12
CA ALA B 217 0.37 4.74 6.55
C ALA B 217 1.34 3.60 6.81
N MET B 218 2.32 3.43 5.94
CA MET B 218 3.25 2.32 5.95
C MET B 218 4.59 2.81 5.42
N SER B 219 5.68 2.39 6.06
CA SER B 219 7.02 2.76 5.60
C SER B 219 7.68 1.72 4.71
N ARG B 220 7.22 0.46 4.70
CA ARG B 220 7.72 -0.56 3.79
C ARG B 220 6.56 -1.30 3.14
N SER B 221 6.81 -1.86 1.96
CA SER B 221 5.75 -2.54 1.23
C SER B 221 6.34 -3.19 -0.01
N ILE B 222 5.52 -4.02 -0.66
CA ILE B 222 5.79 -4.51 -2.01
C ILE B 222 4.97 -3.64 -2.95
N GLY B 223 5.57 -3.22 -4.05
CA GLY B 223 4.90 -2.35 -5.00
C GLY B 223 5.12 -0.86 -4.68
N ASP B 224 4.02 -0.12 -4.56
CA ASP B 224 4.00 1.33 -4.32
C ASP B 224 5.07 2.08 -5.11
N ARG B 225 5.09 1.82 -6.42
CA ARG B 225 6.06 2.47 -7.30
C ARG B 225 6.14 3.97 -7.05
N TYR B 226 4.99 4.62 -6.86
CA TYR B 226 4.93 6.08 -6.81
C TYR B 226 5.61 6.66 -5.57
N LEU B 227 5.95 5.85 -4.57
CA LEU B 227 6.61 6.32 -3.35
C LEU B 227 8.00 5.71 -3.19
N LYS B 228 8.51 5.13 -4.22
CA LYS B 228 9.91 4.80 -4.20
C LYS B 228 10.72 6.09 -4.27
N PRO B 229 11.82 6.22 -3.53
CA PRO B 229 12.55 5.27 -2.70
C PRO B 229 12.37 5.50 -1.22
N TYR B 230 11.24 6.09 -0.84
CA TYR B 230 10.86 6.23 0.56
C TYR B 230 10.25 4.93 1.10
N VAL B 231 9.28 4.36 0.40
CA VAL B 231 8.68 3.08 0.79
C VAL B 231 9.46 1.98 0.08
N ILE B 232 10.21 1.19 0.85
CA ILE B 232 11.14 0.20 0.30
C ILE B 232 10.60 -1.20 0.55
N PRO B 233 10.99 -2.20 -0.24
CA PRO B 233 10.59 -3.59 0.02
C PRO B 233 11.61 -4.43 0.77
N GLU B 234 12.66 -3.86 1.31
CA GLU B 234 13.61 -4.62 2.13
C GLU B 234 12.89 -5.23 3.34
N PRO B 235 12.89 -6.53 3.51
CA PRO B 235 12.21 -7.13 4.66
C PRO B 235 13.13 -7.15 5.86
N GLU B 236 12.50 -7.32 7.02
CA GLU B 236 13.23 -7.68 8.22
C GLU B 236 13.05 -9.18 8.42
N VAL B 237 14.15 -9.90 8.57
CA VAL B 237 14.14 -11.35 8.52
C VAL B 237 14.54 -11.92 9.88
N THR B 238 13.86 -12.97 10.31
CA THR B 238 14.11 -13.58 11.62
C THR B 238 14.38 -15.07 11.45
N PHE B 239 15.49 -15.52 12.00
CA PHE B 239 15.91 -16.93 11.94
C PHE B 239 15.81 -17.51 13.35
N MET B 240 14.74 -18.27 13.60
CA MET B 240 14.40 -18.69 14.96
C MET B 240 14.52 -20.20 15.12
N PRO B 241 15.46 -20.70 15.91
CA PRO B 241 15.44 -22.13 16.24
C PRO B 241 14.17 -22.46 16.98
N ARG B 242 13.60 -23.62 16.67
CA ARG B 242 12.40 -24.05 17.37
C ARG B 242 12.76 -24.60 18.75
N SER B 243 11.75 -24.80 19.59
CA SER B 243 11.99 -25.35 20.92
C SER B 243 10.77 -26.14 21.37
N ARG B 244 11.00 -27.06 22.31
CA ARG B 244 9.91 -27.91 22.77
C ARG B 244 8.80 -27.10 23.43
N GLU B 245 9.10 -25.89 23.91
CA GLU B 245 8.06 -25.09 24.55
C GLU B 245 7.20 -24.32 23.57
N ASP B 246 7.50 -24.38 22.27
CA ASP B 246 6.69 -23.69 21.26
C ASP B 246 5.27 -24.24 21.22
N GLU B 247 4.30 -23.33 21.12
CA GLU B 247 2.89 -23.68 21.15
C GLU B 247 2.22 -23.53 19.80
N CYS B 248 2.38 -22.37 19.16
CA CYS B 248 1.73 -22.10 17.88
C CYS B 248 2.35 -20.84 17.28
N LEU B 249 2.02 -20.61 16.01
CA LEU B 249 2.53 -19.45 15.28
C LEU B 249 1.39 -18.85 14.48
N ILE B 250 1.17 -17.55 14.62
CA ILE B 250 0.04 -16.89 13.98
C ILE B 250 0.57 -15.80 13.02
N LEU B 251 0.15 -15.89 11.75
CA LEU B 251 0.31 -14.81 10.77
C LEU B 251 -1.06 -14.20 10.53
N ALA B 252 -1.12 -12.87 10.51
CA ALA B 252 -2.39 -12.19 10.31
C ALA B 252 -2.14 -10.79 9.76
N SER B 253 -3.14 -10.25 9.06
CA SER B 253 -3.16 -8.84 8.68
C SER B 253 -3.66 -7.98 9.85
N ASP B 254 -3.50 -6.66 9.72
CA ASP B 254 -3.82 -5.79 10.86
C ASP B 254 -5.30 -5.70 11.13
N GLY B 255 -6.12 -6.17 10.21
CA GLY B 255 -7.52 -6.38 10.53
C GLY B 255 -7.72 -7.14 11.83
N LEU B 256 -6.76 -8.00 12.19
CA LEU B 256 -6.79 -8.73 13.47
C LEU B 256 -6.14 -7.92 14.58
N TRP B 257 -4.90 -7.46 14.35
CA TRP B 257 -4.12 -6.82 15.40
C TRP B 257 -4.64 -5.44 15.78
N ASP B 258 -5.37 -4.77 14.91
CA ASP B 258 -5.92 -3.47 15.31
C ASP B 258 -6.90 -3.58 16.46
N VAL B 259 -7.58 -4.71 16.60
CA VAL B 259 -8.60 -4.86 17.63
C VAL B 259 -8.23 -5.86 18.70
N MET B 260 -7.16 -6.63 18.50
CA MET B 260 -6.75 -7.65 19.46
C MET B 260 -5.24 -7.65 19.61
N ASN B 261 -4.82 -7.80 20.87
CA ASN B 261 -3.46 -7.85 21.39
C ASN B 261 -2.76 -9.18 21.10
N ASN B 262 -1.42 -9.13 20.93
CA ASN B 262 -0.60 -10.30 20.61
C ASN B 262 -0.76 -11.41 21.64
N GLN B 263 -0.67 -11.06 22.90
CA GLN B 263 -0.76 -12.06 23.95
C GLN B 263 -2.14 -12.71 23.93
N GLU B 264 -3.18 -11.90 23.79
CA GLU B 264 -4.54 -12.42 23.81
C GLU B 264 -4.80 -13.33 22.61
N VAL B 265 -4.31 -12.95 21.43
CA VAL B 265 -4.52 -13.74 20.22
C VAL B 265 -3.89 -15.12 20.35
N CYS B 266 -2.64 -15.18 20.83
CA CYS B 266 -1.95 -16.47 20.95
C CYS B 266 -2.64 -17.38 21.97
N GLU B 267 -3.10 -16.82 23.08
CA GLU B 267 -3.73 -17.62 24.12
C GLU B 267 -5.06 -18.19 23.65
N ILE B 268 -5.85 -17.37 22.97
CA ILE B 268 -7.13 -17.85 22.44
C ILE B 268 -6.89 -18.95 21.42
N ALA B 269 -5.93 -18.74 20.50
CA ALA B 269 -5.62 -19.80 19.56
C ALA B 269 -5.31 -21.10 20.29
N ARG B 270 -4.39 -21.06 21.26
CA ARG B 270 -4.02 -22.28 21.98
C ARG B 270 -5.21 -22.88 22.73
N ARG B 271 -5.95 -22.04 23.44
CA ARG B 271 -7.10 -22.52 24.20
C ARG B 271 -8.11 -23.22 23.29
N ARG B 272 -8.27 -22.72 22.06
CA ARG B 272 -9.26 -23.29 21.16
C ARG B 272 -8.76 -24.58 20.52
N ILE B 273 -7.47 -24.65 20.23
CA ILE B 273 -6.90 -25.91 19.77
C ILE B 273 -7.09 -26.99 20.81
N LEU B 274 -6.80 -26.68 22.08
CA LEU B 274 -6.99 -27.68 23.15
C LEU B 274 -8.46 -28.08 23.23
N MET B 275 -9.35 -27.10 23.29
CA MET B 275 -10.78 -27.37 23.39
C MET B 275 -11.21 -28.38 22.33
N TRP B 276 -10.77 -28.18 21.08
CA TRP B 276 -11.12 -29.11 20.01
C TRP B 276 -10.58 -30.51 20.30
N HIS B 277 -9.36 -30.60 20.83
CA HIS B 277 -8.78 -31.92 21.07
C HIS B 277 -9.44 -32.62 22.25
N LYS B 278 -9.72 -31.89 23.34
CA LYS B 278 -10.41 -32.48 24.47
C LYS B 278 -11.77 -33.02 24.08
N LYS B 279 -12.41 -32.40 23.09
CA LYS B 279 -13.78 -32.79 22.77
C LYS B 279 -13.84 -33.80 21.63
N ASN B 280 -12.88 -33.77 20.70
CA ASN B 280 -12.90 -34.65 19.54
C ASN B 280 -11.82 -35.71 19.52
N GLY B 281 -10.72 -35.54 20.25
CA GLY B 281 -9.59 -36.43 20.07
C GLY B 281 -8.76 -36.02 18.87
N ALA B 282 -7.81 -36.82 18.55
CA ALA B 282 -6.97 -36.45 17.41
C ALA B 282 -7.43 -37.18 16.15
N PRO B 283 -7.17 -36.63 14.97
CA PRO B 283 -7.54 -37.29 13.71
C PRO B 283 -6.57 -38.41 13.37
N PRO B 284 -7.02 -39.42 12.61
CA PRO B 284 -6.13 -40.54 12.28
C PRO B 284 -4.91 -39.97 11.57
N LEU B 285 -3.72 -40.37 12.03
CA LEU B 285 -2.52 -39.71 11.56
C LEU B 285 -2.27 -39.93 10.06
N ALA B 286 -2.93 -40.91 9.45
CA ALA B 286 -2.89 -40.98 8.01
C ALA B 286 -3.57 -39.77 7.39
N GLU B 287 -4.62 -39.26 8.04
CA GLU B 287 -5.35 -38.12 7.50
C GLU B 287 -4.62 -36.80 7.77
N ARG B 288 -3.72 -36.76 8.74
CA ARG B 288 -3.12 -35.50 9.15
C ARG B 288 -2.05 -35.04 8.18
N GLY B 289 -1.98 -33.73 7.94
CA GLY B 289 -1.01 -33.17 7.04
C GLY B 289 -1.53 -32.88 5.66
N LYS B 290 -2.64 -33.51 5.27
CA LYS B 290 -3.28 -33.25 3.98
C LYS B 290 -4.47 -32.35 4.23
N GLY B 291 -4.29 -31.05 3.98
CA GLY B 291 -5.35 -30.11 4.23
C GLY B 291 -5.24 -29.52 5.63
N ILE B 292 -6.24 -28.71 5.97
CA ILE B 292 -6.22 -28.00 7.24
C ILE B 292 -6.32 -28.98 8.40
N ASP B 293 -5.86 -28.54 9.56
CA ASP B 293 -6.05 -29.27 10.78
C ASP B 293 -7.32 -28.78 11.47
N PRO B 294 -8.29 -29.64 11.73
CA PRO B 294 -9.54 -29.16 12.32
C PRO B 294 -9.35 -28.22 13.50
N ALA B 295 -8.47 -28.56 14.47
CA ALA B 295 -8.35 -27.70 15.65
C ALA B 295 -7.76 -26.34 15.31
N CYS B 296 -6.85 -26.29 14.33
CA CYS B 296 -6.34 -24.98 13.90
C CYS B 296 -7.41 -24.19 13.17
N GLN B 297 -8.27 -24.89 12.44
CA GLN B 297 -9.35 -24.21 11.75
C GLN B 297 -10.37 -23.68 12.75
N ALA B 298 -10.71 -24.47 13.77
CA ALA B 298 -11.64 -23.95 14.78
C ALA B 298 -11.08 -22.69 15.40
N ALA B 299 -9.77 -22.63 15.61
CA ALA B 299 -9.17 -21.46 16.26
C ALA B 299 -9.12 -20.25 15.31
N ALA B 300 -8.69 -20.46 14.07
CA ALA B 300 -8.74 -19.35 13.11
C ALA B 300 -10.17 -18.82 12.99
N ASP B 301 -11.15 -19.72 12.83
CA ASP B 301 -12.55 -19.30 12.73
C ASP B 301 -12.96 -18.48 13.93
N TYR B 302 -12.55 -18.91 15.13
CA TYR B 302 -12.96 -18.23 16.35
C TYR B 302 -12.33 -16.83 16.46
N LEU B 303 -11.04 -16.75 16.16
CA LEU B 303 -10.37 -15.45 16.19
C LEU B 303 -11.05 -14.47 15.25
N SER B 304 -11.39 -14.91 14.05
CA SER B 304 -11.96 -14.00 13.07
C SER B 304 -13.33 -13.53 13.52
N MET B 305 -14.10 -14.40 14.15
CA MET B 305 -15.42 -13.97 14.59
C MET B 305 -15.32 -13.01 15.76
N LEU B 306 -14.30 -13.16 16.62
CA LEU B 306 -14.12 -12.17 17.68
C LEU B 306 -13.70 -10.82 17.10
N ALA B 307 -12.74 -10.83 16.18
CA ALA B 307 -12.32 -9.57 15.55
C ALA B 307 -13.53 -8.82 15.02
N LEU B 308 -14.43 -9.53 14.35
CA LEU B 308 -15.62 -8.90 13.81
C LEU B 308 -16.55 -8.41 14.91
N GLN B 309 -16.77 -9.22 15.94
CA GLN B 309 -17.75 -8.76 16.92
C GLN B 309 -17.17 -7.62 17.77
N LYS B 310 -15.85 -7.49 17.85
CA LYS B 310 -15.23 -6.29 18.40
C LYS B 310 -15.29 -5.11 17.43
N GLY B 311 -15.77 -5.33 16.22
CA GLY B 311 -16.06 -4.23 15.33
C GLY B 311 -14.95 -3.90 14.37
N SER B 312 -14.00 -4.82 14.17
CA SER B 312 -13.03 -4.59 13.12
C SER B 312 -13.79 -4.36 11.83
N LYS B 313 -13.44 -3.29 11.12
CA LYS B 313 -14.10 -2.97 9.87
C LYS B 313 -13.18 -3.14 8.66
N ASP B 314 -12.07 -3.84 8.81
CA ASP B 314 -11.11 -4.06 7.74
C ASP B 314 -11.17 -5.52 7.25
N ASN B 315 -10.56 -5.78 6.10
CA ASN B 315 -10.24 -7.16 5.71
C ASN B 315 -9.53 -7.85 6.86
N ILE B 316 -9.72 -9.17 6.99
CA ILE B 316 -9.15 -9.93 8.13
C ILE B 316 -8.66 -11.28 7.63
N SER B 317 -7.34 -11.50 7.67
CA SER B 317 -6.74 -12.75 7.22
C SER B 317 -5.87 -13.32 8.34
N ILE B 318 -5.99 -14.63 8.57
CA ILE B 318 -5.36 -15.27 9.74
C ILE B 318 -4.91 -16.68 9.38
N ILE B 319 -3.64 -16.98 9.63
CA ILE B 319 -3.13 -18.35 9.55
C ILE B 319 -2.76 -18.79 10.96
N VAL B 320 -3.30 -19.93 11.42
CA VAL B 320 -2.94 -20.50 12.73
C VAL B 320 -2.16 -21.80 12.50
N ILE B 321 -0.98 -21.89 13.10
CA ILE B 321 -0.06 -23.01 12.88
C ILE B 321 0.24 -23.65 14.23
N ASP B 322 -0.12 -24.92 14.39
CA ASP B 322 0.14 -25.68 15.61
C ASP B 322 1.56 -26.23 15.57
N LEU B 323 2.40 -25.85 16.52
CA LEU B 323 3.78 -26.30 16.53
C LEU B 323 4.03 -27.49 17.48
N LYS B 324 3.03 -27.95 18.22
CA LYS B 324 3.22 -29.14 19.05
C LYS B 324 3.03 -30.41 18.23
N ALA B 325 3.98 -31.33 18.32
CA ALA B 325 3.80 -32.65 17.72
C ALA B 325 2.54 -33.33 18.25
N GLN B 326 2.33 -33.30 19.57
CA GLN B 326 1.20 -34.01 20.15
C GLN B 326 0.59 -33.20 21.27
N ARG B 327 -0.72 -33.40 21.48
CA ARG B 327 -1.45 -32.77 22.55
C ARG B 327 -2.30 -33.79 23.30
C1 S5N C . -9.84 12.84 -4.97
C2 S5N C . -8.68 12.09 -4.80
C3 S5N C . -7.98 12.11 -3.60
C4 S5N C . -8.43 12.90 -2.54
C5 S5N C . -9.57 13.69 -2.71
C6 S5N C . -10.27 13.65 -3.92
C7 S5N C . -9.99 14.55 -1.60
C8 S5N C . -9.26 14.53 -0.46
C11 S5N C . -6.61 12.01 -1.13
C10 S5N C . -11.17 15.44 -1.73
C12 S5N C . -10.68 12.71 -6.22
C13 S5N C . -9.09 15.83 -6.15
C14 S5N C . -7.81 15.57 -5.68
C15 S5N C . -7.33 16.31 -4.62
C16 S5N C . -8.11 17.28 -4.03
C17 S5N C . -9.39 17.52 -4.51
C18 S5N C . -9.89 16.80 -5.57
C9 S5N C . -8.12 13.73 -0.25
N1 S5N C . -10.94 14.00 -6.91
N2 S5N C . -7.73 12.91 -1.32
O1 S5N C . -10.27 15.78 -8.45
O2 S5N C . -8.70 13.97 -7.90
O3 S5N C . -7.47 13.70 0.81
S1 S5N C . -9.72 14.88 -7.49
H2 S5N C . -8.31 11.48 -5.62
H3 S5N C . -7.09 11.48 -3.53
H6 S5N C . -11.17 14.25 -4.05
H8 S5N C . -9.53 15.16 0.39
H11A S5N C . -6.91 10.98 -1.22
H11B S5N C . -6.15 12.13 -0.16
H11C S5N C . -5.83 12.19 -1.88
H10A S5N C . -11.36 15.69 -2.77
H10B S5N C . -11.03 16.37 -1.19
H10C S5N C . -12.06 14.95 -1.33
H12B S5N C . -11.61 12.23 -5.95
H12A S5N C . -10.17 12.02 -6.89
H14 S5N C . -7.19 14.80 -6.15
H15 S5N C . -6.33 16.11 -4.24
H16 S5N C . -7.73 17.86 -3.20
H17 S5N C . -10.01 18.29 -4.04
H18 S5N C . -10.90 16.98 -5.94
H1 S5N C . -11.92 14.23 -6.95
C1 GOL D . -18.35 31.30 -26.26
O1 GOL D . -18.41 32.10 -25.14
C2 GOL D . -18.41 29.82 -25.78
O2 GOL D . -17.64 29.58 -24.70
C3 GOL D . -17.98 29.10 -27.06
O3 GOL D . -18.86 29.58 -28.02
H11 GOL D . -17.55 31.44 -26.77
H12 GOL D . -19.08 31.46 -26.87
HO1 GOL D . -17.70 31.95 -24.72
H2 GOL D . -19.29 29.55 -25.47
HO2 GOL D . -17.24 28.87 -24.85
H31 GOL D . -18.02 28.13 -26.93
H32 GOL D . -17.04 29.28 -27.25
HO3 GOL D . -19.64 29.27 -27.81
MN MN E . -3.62 -0.24 11.13
MN MN F . 8.56 -0.75 -4.43
MN MN G . -5.69 -3.57 2.91
MN MN H . -5.38 -3.99 6.37
CL CL I . -11.09 -18.64 24.53
CL CL J . -14.18 0.12 1.91
CL CL K . -12.63 -25.17 19.69
CL CL L . -5.53 -3.56 -8.22
CL CL M . 5.08 12.48 12.46
C1 GOL N . 8.08 14.33 -5.96
O1 GOL N . 9.23 14.38 -6.76
C2 GOL N . 7.79 12.85 -5.70
O2 GOL N . 8.92 12.18 -5.28
C3 GOL N . 6.67 12.89 -4.65
O3 GOL N . 6.82 11.72 -3.92
H11 GOL N . 8.19 14.80 -5.12
H12 GOL N . 7.31 14.74 -6.40
HO1 GOL N . 9.28 15.17 -7.06
H2 GOL N . 7.50 12.38 -6.50
HO2 GOL N . 9.57 12.74 -5.27
H31 GOL N . 5.82 12.96 -5.10
H32 GOL N . 6.75 13.70 -4.12
HO3 GOL N . 7.11 11.16 -4.46
C1 GOL O . -4.22 -2.46 20.04
O1 GOL O . -4.65 -3.66 19.54
C2 GOL O . -3.78 -1.58 18.85
O2 GOL O . -4.25 -0.30 19.01
C3 GOL O . -2.24 -1.71 18.86
O3 GOL O . -1.87 -2.60 17.81
H11 GOL O . -4.91 -2.00 20.54
H12 GOL O . -3.48 -2.57 20.66
HO1 GOL O . -5.09 -4.03 20.17
H2 GOL O . -4.13 -1.87 17.99
HO2 GOL O . -4.82 -0.32 19.62
H31 GOL O . -1.97 -2.04 19.74
H32 GOL O . -1.84 -0.83 18.78
HO3 GOL O . -1.72 -2.12 17.14
C1 GOL P . -4.42 -23.91 -0.57
O1 GOL P . -5.16 -23.18 0.35
C2 GOL P . -3.11 -23.12 -0.93
O2 GOL P . -3.33 -21.77 -1.15
C3 GOL P . -2.64 -23.91 -2.17
O3 GOL P . -1.28 -24.15 -2.04
H11 GOL P . -4.17 -24.77 -0.23
H12 GOL P . -4.91 -24.07 -1.38
HO1 GOL P . -5.90 -23.56 0.42
H2 GOL P . -2.46 -23.11 -0.20
HO2 GOL P . -3.57 -21.43 -0.41
H31 GOL P . -3.17 -24.72 -2.24
H32 GOL P . -2.87 -23.39 -2.96
HO3 GOL P . -0.94 -23.81 -2.74
#